data_5EO0
#
_entry.id   5EO0
#
_cell.length_a   50.837
_cell.length_b   81.980
_cell.length_c   110.768
_cell.angle_alpha   90.000
_cell.angle_beta   90.000
_cell.angle_gamma   90.000
#
_symmetry.space_group_name_H-M   'P 21 21 21'
#
loop_
_entity.id
_entity.type
_entity.pdbx_description
1 polymer 'HLA class I histocompatibility antigen, B-7 alpha chain'
2 polymer Beta-2-microglobulin
3 polymer 'RFL9 peptide'
4 water water
#
loop_
_entity_poly.entity_id
_entity_poly.type
_entity_poly.pdbx_seq_one_letter_code
_entity_poly.pdbx_strand_id
1 'polypeptide(L)'
;GSHSMRYFYTSVSRPGRGEPRFISVGYVDDTQFVRFDSDAASPREEPRAPWIEQEGPEYWDRNTQIYKAQAQTDRESLRN
LRGYYNQSEAGSHTLQSMYGCDVGPDGRLLRGHDQYAYDGKDYIALNEDLRSWTAADTAAQITQRKWEAAREAEQRRAYL
EGECVEWLRRYLENGKDKLERADPPKTHVTHHPISDHEATLRCWALGFYPAEITLTWQRDGEDQTQDTELVETRPAGDRT
FQKWAAVVVPSGEEQRYTCHVQHEGLPKPLTLRWE
;
A
2 'polypeptide(L)'
;MIQRTPKIQVYSRHPAENGKSNFLNCYVSGFHPSDIEVDLLKNGERIEKVEHSDLSFSKDWSFYLLYYTEFTPTEKDEYA
CRVNHVTLSQPKIVKWDRDM
;
B
3 'polypeptide(L)' RPMTFKGAL C
#
# COMPACT_ATOMS: atom_id res chain seq x y z
N GLY A 1 16.23 9.36 -6.96
CA GLY A 1 17.45 8.74 -7.47
C GLY A 1 17.61 7.30 -6.99
N SER A 2 17.22 7.05 -5.75
CA SER A 2 17.15 5.69 -5.22
C SER A 2 15.86 4.97 -5.70
N HIS A 3 15.93 3.64 -5.91
CA HIS A 3 14.77 2.90 -6.35
C HIS A 3 14.70 1.57 -5.65
N SER A 4 13.53 0.94 -5.69
CA SER A 4 13.35 -0.36 -5.04
C SER A 4 12.45 -1.23 -5.89
N MET A 5 12.61 -2.52 -5.71
CA MET A 5 11.67 -3.47 -6.27
C MET A 5 11.19 -4.29 -5.10
N ARG A 6 9.91 -4.59 -5.08
CA ARG A 6 9.35 -5.41 -3.96
C ARG A 6 8.30 -6.33 -4.48
N TYR A 7 8.28 -7.57 -3.99
CA TYR A 7 7.14 -8.49 -4.18
C TYR A 7 6.46 -8.68 -2.86
N PHE A 8 5.13 -8.67 -2.90
CA PHE A 8 4.29 -8.82 -1.70
C PHE A 8 3.38 -10.00 -1.92
N TYR A 9 3.52 -11.02 -1.09
CA TYR A 9 2.72 -12.23 -1.20
C TYR A 9 1.81 -12.35 0.01
N THR A 10 0.59 -12.78 -0.23
CA THR A 10 -0.38 -12.98 0.85
C THR A 10 -1.04 -14.34 0.65
N SER A 11 -0.95 -15.23 1.65
CA SER A 11 -1.72 -16.49 1.59
CA SER A 11 -1.71 -16.50 1.59
C SER A 11 -2.68 -16.50 2.78
N VAL A 12 -3.96 -16.77 2.50
CA VAL A 12 -4.98 -16.75 3.52
C VAL A 12 -5.73 -18.06 3.55
N SER A 13 -5.71 -18.79 4.68
CA SER A 13 -6.44 -20.05 4.74
C SER A 13 -7.92 -19.74 5.03
N ARG A 14 -8.79 -20.69 4.71
CA ARG A 14 -10.24 -20.46 4.81
C ARG A 14 -10.91 -21.80 4.98
N PRO A 15 -10.71 -22.41 6.17
CA PRO A 15 -11.24 -23.77 6.35
C PRO A 15 -12.75 -23.85 6.05
N GLY A 16 -13.10 -24.90 5.32
CA GLY A 16 -14.47 -25.14 4.89
C GLY A 16 -14.81 -24.41 3.61
N ARG A 17 -13.88 -23.56 3.15
CA ARG A 17 -14.17 -22.77 1.92
C ARG A 17 -13.05 -22.94 0.91
N GLY A 18 -12.48 -24.14 0.87
CA GLY A 18 -11.42 -24.46 -0.09
C GLY A 18 -10.01 -24.34 0.49
N GLU A 19 -9.04 -24.40 -0.40
CA GLU A 19 -7.63 -24.31 -0.04
C GLU A 19 -7.21 -22.84 0.01
N PRO A 20 -6.06 -22.55 0.60
CA PRO A 20 -5.71 -21.15 0.81
C PRO A 20 -5.56 -20.37 -0.48
N ARG A 21 -5.98 -19.11 -0.46
CA ARG A 21 -5.80 -18.22 -1.61
C ARG A 21 -4.40 -17.65 -1.56
N PHE A 22 -3.71 -17.61 -2.70
CA PHE A 22 -2.39 -16.93 -2.79
C PHE A 22 -2.51 -15.74 -3.75
N ILE A 23 -2.06 -14.58 -3.32
CA ILE A 23 -2.00 -13.47 -4.24
CA ILE A 23 -2.01 -13.37 -4.16
C ILE A 23 -0.62 -12.82 -4.11
N SER A 24 -0.07 -12.42 -5.25
CA SER A 24 1.19 -11.69 -5.23
CA SER A 24 1.21 -11.70 -5.24
C SER A 24 1.02 -10.42 -6.04
N VAL A 25 1.65 -9.32 -5.58
CA VAL A 25 1.74 -8.12 -6.40
C VAL A 25 3.20 -7.71 -6.40
N GLY A 26 3.66 -7.14 -7.51
CA GLY A 26 5.03 -6.66 -7.62
C GLY A 26 5.05 -5.15 -7.85
N TYR A 27 6.00 -4.46 -7.21
CA TYR A 27 6.12 -3.00 -7.31
C TYR A 27 7.53 -2.62 -7.70
N VAL A 28 7.64 -1.53 -8.44
CA VAL A 28 8.91 -0.79 -8.54
C VAL A 28 8.59 0.57 -7.95
N ASP A 29 9.32 0.96 -6.89
CA ASP A 29 8.91 2.14 -6.12
C ASP A 29 7.43 2.09 -5.78
N ASP A 30 6.66 3.13 -6.09
CA ASP A 30 5.25 3.18 -5.76
C ASP A 30 4.33 2.75 -6.90
N THR A 31 4.90 2.06 -7.87
CA THR A 31 4.19 1.66 -9.07
C THR A 31 4.02 0.15 -9.10
N GLN A 32 2.79 -0.32 -9.00
CA GLN A 32 2.58 -1.77 -9.11
C GLN A 32 2.75 -2.16 -10.55
N PHE A 33 3.39 -3.29 -10.83
CA PHE A 33 3.55 -3.63 -12.26
C PHE A 33 3.13 -5.03 -12.65
N VAL A 34 2.90 -5.92 -11.67
CA VAL A 34 2.42 -7.30 -11.97
C VAL A 34 1.48 -7.75 -10.87
N ARG A 35 0.64 -8.74 -11.18
CA ARG A 35 -0.13 -9.37 -10.12
C ARG A 35 -0.27 -10.85 -10.47
N PHE A 36 -0.59 -11.66 -9.44
CA PHE A 36 -0.99 -13.06 -9.69
C PHE A 36 -2.05 -13.39 -8.65
N ASP A 37 -3.11 -14.11 -9.02
CA ASP A 37 -4.15 -14.45 -8.04
C ASP A 37 -4.60 -15.90 -8.24
N SER A 38 -4.37 -16.75 -7.25
CA SER A 38 -4.70 -18.16 -7.43
C SER A 38 -6.22 -18.39 -7.57
N ASP A 39 -7.04 -17.39 -7.22
CA ASP A 39 -8.52 -17.51 -7.38
C ASP A 39 -8.98 -17.02 -8.74
N ALA A 40 -8.05 -16.52 -9.55
CA ALA A 40 -8.44 -16.08 -10.91
C ALA A 40 -9.01 -17.27 -11.75
N ALA A 41 -9.92 -16.99 -12.69
CA ALA A 41 -10.41 -18.07 -13.57
C ALA A 41 -9.26 -18.89 -14.16
N SER A 42 -8.28 -18.22 -14.77
CA SER A 42 -7.08 -18.94 -15.22
C SER A 42 -5.81 -18.28 -14.68
N PRO A 43 -5.36 -18.71 -13.49
CA PRO A 43 -4.28 -17.95 -12.84
C PRO A 43 -3.01 -17.83 -13.68
N ARG A 44 -2.57 -16.59 -13.82
CA ARG A 44 -1.38 -16.28 -14.59
C ARG A 44 -0.86 -14.93 -14.10
N GLU A 45 0.45 -14.71 -14.24
CA GLU A 45 0.99 -13.39 -13.95
C GLU A 45 0.46 -12.44 -15.00
N GLU A 46 -0.05 -11.30 -14.55
CA GLU A 46 -0.62 -10.30 -15.46
C GLU A 46 0.07 -8.98 -15.31
N PRO A 47 0.19 -8.24 -16.43
CA PRO A 47 0.89 -6.94 -16.36
C PRO A 47 -0.05 -5.92 -15.79
N ARG A 48 0.49 -4.98 -15.02
CA ARG A 48 -0.35 -3.94 -14.43
C ARG A 48 0.27 -2.54 -14.67
N ALA A 49 1.34 -2.49 -15.45
CA ALA A 49 1.94 -1.24 -15.91
C ALA A 49 2.30 -1.33 -17.41
N PRO A 50 2.32 -0.18 -18.12
CA PRO A 50 2.51 -0.30 -19.58
C PRO A 50 3.88 -0.76 -20.01
N TRP A 51 4.90 -0.37 -19.27
CA TRP A 51 6.26 -0.69 -19.63
C TRP A 51 6.67 -2.16 -19.36
N ILE A 52 5.78 -2.96 -18.75
CA ILE A 52 6.16 -4.36 -18.57
C ILE A 52 5.47 -5.23 -19.64
N GLU A 53 4.51 -4.66 -20.35
CA GLU A 53 3.76 -5.44 -21.37
C GLU A 53 4.66 -6.00 -22.47
N GLN A 54 5.79 -5.34 -22.71
CA GLN A 54 6.74 -5.76 -23.75
C GLN A 54 7.49 -7.03 -23.43
N GLU A 55 7.44 -7.48 -22.18
CA GLU A 55 8.10 -8.74 -21.89
C GLU A 55 7.40 -9.85 -22.69
N GLY A 56 8.22 -10.79 -23.17
CA GLY A 56 7.71 -11.86 -24.01
C GLY A 56 6.87 -12.89 -23.28
N PRO A 57 6.28 -13.81 -24.04
CA PRO A 57 5.41 -14.82 -23.39
C PRO A 57 6.21 -15.74 -22.47
N GLU A 58 7.50 -15.95 -22.75
CA GLU A 58 8.36 -16.76 -21.90
C GLU A 58 8.51 -16.11 -20.50
N TYR A 59 8.50 -14.78 -20.45
CA TYR A 59 8.52 -14.06 -19.16
C TYR A 59 7.26 -14.42 -18.35
N TRP A 60 6.08 -14.28 -18.97
CA TRP A 60 4.83 -14.49 -18.27
C TRP A 60 4.71 -15.95 -17.88
N ASP A 61 5.14 -16.85 -18.76
CA ASP A 61 5.08 -18.28 -18.47
C ASP A 61 5.94 -18.69 -17.29
N ARG A 62 7.20 -18.23 -17.30
CA ARG A 62 8.15 -18.54 -16.26
CA ARG A 62 8.13 -18.60 -16.24
C ARG A 62 7.63 -18.06 -14.91
N ASN A 63 7.16 -16.82 -14.88
CA ASN A 63 6.74 -16.26 -13.58
C ASN A 63 5.49 -16.93 -13.07
N THR A 64 4.56 -17.24 -13.97
CA THR A 64 3.38 -17.99 -13.56
C THR A 64 3.75 -19.32 -12.90
N GLN A 65 4.72 -20.06 -13.47
CA GLN A 65 5.18 -21.32 -12.89
CA GLN A 65 5.04 -21.32 -12.84
C GLN A 65 5.71 -21.08 -11.47
N ILE A 66 6.42 -19.99 -11.31
CA ILE A 66 7.04 -19.64 -10.02
C ILE A 66 5.96 -19.37 -8.96
N TYR A 67 4.95 -18.58 -9.33
CA TYR A 67 3.90 -18.26 -8.36
C TYR A 67 3.11 -19.50 -7.99
N LYS A 68 2.87 -20.38 -8.97
CA LYS A 68 2.06 -21.58 -8.67
C LYS A 68 2.83 -22.46 -7.67
N ALA A 69 4.12 -22.58 -7.88
CA ALA A 69 4.95 -23.35 -6.95
C ALA A 69 5.03 -22.69 -5.59
N GLN A 70 5.08 -21.36 -5.59
CA GLN A 70 5.13 -20.65 -4.31
C GLN A 70 3.85 -20.81 -3.54
N ALA A 71 2.73 -20.77 -4.26
CA ALA A 71 1.43 -20.96 -3.59
C ALA A 71 1.41 -22.30 -2.87
N GLN A 72 1.93 -23.34 -3.53
CA GLN A 72 1.95 -24.67 -2.95
CA GLN A 72 1.95 -24.68 -2.95
C GLN A 72 2.85 -24.70 -1.72
N THR A 73 4.03 -24.06 -1.82
CA THR A 73 4.92 -23.95 -0.68
C THR A 73 4.27 -23.20 0.50
N ASP A 74 3.52 -22.14 0.20
CA ASP A 74 2.87 -21.38 1.24
C ASP A 74 1.79 -22.24 1.92
N ARG A 75 1.13 -23.12 1.15
CA ARG A 75 0.18 -24.02 1.80
C ARG A 75 0.87 -24.92 2.82
N GLU A 76 2.03 -25.46 2.46
CA GLU A 76 2.86 -26.24 3.38
C GLU A 76 3.24 -25.39 4.60
N SER A 77 3.68 -24.17 4.35
CA SER A 77 4.08 -23.30 5.45
C SER A 77 2.92 -23.05 6.42
N LEU A 78 1.73 -22.84 5.89
CA LEU A 78 0.55 -22.56 6.73
C LEU A 78 0.23 -23.76 7.60
N ARG A 79 0.32 -24.97 7.03
CA ARG A 79 0.16 -26.19 7.83
CA ARG A 79 0.15 -26.20 7.83
C ARG A 79 1.21 -26.27 8.95
N ASN A 80 2.47 -26.04 8.58
CA ASN A 80 3.56 -26.08 9.57
C ASN A 80 3.34 -25.08 10.70
N LEU A 81 2.94 -23.86 10.32
CA LEU A 81 2.74 -22.75 11.29
C LEU A 81 1.63 -23.09 12.27
N ARG A 82 0.56 -23.71 11.77
CA ARG A 82 -0.52 -24.09 12.71
C ARG A 82 0.03 -25.03 13.77
N GLY A 83 0.85 -26.00 13.36
CA GLY A 83 1.50 -26.87 14.34
C GLY A 83 2.45 -26.14 15.26
N TYR A 84 3.22 -25.19 14.74
CA TYR A 84 4.18 -24.50 15.62
C TYR A 84 3.51 -23.69 16.73
N TYR A 85 2.24 -23.30 16.51
CA TYR A 85 1.51 -22.52 17.51
C TYR A 85 0.38 -23.29 18.15
N ASN A 86 0.41 -24.61 17.96
CA ASN A 86 -0.61 -25.49 18.54
C ASN A 86 -2.01 -25.07 18.23
N GLN A 87 -2.25 -24.63 17.00
CA GLN A 87 -3.55 -24.14 16.59
C GLN A 87 -4.34 -25.27 15.96
N SER A 88 -5.67 -25.16 16.06
CA SER A 88 -6.56 -26.16 15.46
C SER A 88 -6.73 -25.95 13.98
N GLU A 89 -7.40 -26.87 13.31
CA GLU A 89 -7.62 -26.68 11.89
C GLU A 89 -8.80 -25.76 11.60
N ALA A 90 -9.48 -25.25 12.63
CA ALA A 90 -10.77 -24.56 12.36
C ALA A 90 -10.66 -23.06 12.06
N GLY A 91 -9.53 -22.46 12.36
CA GLY A 91 -9.46 -21.02 12.25
C GLY A 91 -8.74 -20.62 10.97
N SER A 92 -9.01 -19.39 10.52
CA SER A 92 -8.34 -18.81 9.36
CA SER A 92 -8.33 -18.84 9.36
C SER A 92 -7.03 -18.11 9.75
N HIS A 93 -6.00 -18.27 8.92
CA HIS A 93 -4.74 -17.64 9.25
C HIS A 93 -4.12 -17.01 8.05
N THR A 94 -3.20 -16.10 8.27
CA THR A 94 -2.62 -15.35 7.15
C THR A 94 -1.10 -15.44 7.19
N LEU A 95 -0.47 -15.73 6.05
CA LEU A 95 0.95 -15.69 5.91
C LEU A 95 1.28 -14.61 4.89
N GLN A 96 2.06 -13.63 5.33
CA GLN A 96 2.56 -12.60 4.38
C GLN A 96 4.06 -12.67 4.18
N SER A 97 4.53 -12.28 3.01
CA SER A 97 5.92 -12.33 2.63
CA SER A 97 5.94 -12.26 2.73
C SER A 97 6.22 -11.03 1.92
N MET A 98 7.35 -10.39 2.19
CA MET A 98 7.77 -9.28 1.33
CA MET A 98 7.77 -9.32 1.29
C MET A 98 9.29 -9.32 1.14
N TYR A 99 9.74 -9.13 -0.09
CA TYR A 99 11.18 -9.17 -0.32
C TYR A 99 11.54 -8.31 -1.48
N GLY A 100 12.79 -7.91 -1.55
CA GLY A 100 13.21 -7.14 -2.73
C GLY A 100 14.48 -6.41 -2.43
N CYS A 101 14.84 -5.49 -3.33
CA CYS A 101 16.13 -4.83 -3.23
C CYS A 101 15.96 -3.32 -3.39
N ASP A 102 16.84 -2.56 -2.74
CA ASP A 102 16.94 -1.10 -2.93
C ASP A 102 18.24 -0.82 -3.65
N VAL A 103 18.23 0.07 -4.65
CA VAL A 103 19.49 0.44 -5.33
C VAL A 103 19.62 1.95 -5.30
N GLY A 104 20.87 2.43 -5.41
CA GLY A 104 21.10 3.85 -5.53
C GLY A 104 21.04 4.32 -6.97
N PRO A 105 21.33 5.62 -7.18
CA PRO A 105 21.34 6.28 -8.49
C PRO A 105 22.23 5.57 -9.52
N ASP A 106 23.26 4.91 -9.03
CA ASP A 106 24.16 4.19 -9.92
C ASP A 106 23.72 2.75 -10.18
N GLY A 107 22.57 2.35 -9.66
CA GLY A 107 22.14 0.98 -9.87
C GLY A 107 22.73 -0.03 -8.89
N ARG A 108 23.53 0.42 -7.92
CA ARG A 108 24.20 -0.54 -7.02
C ARG A 108 23.31 -0.88 -5.81
N LEU A 109 23.43 -2.13 -5.37
CA LEU A 109 22.61 -2.61 -4.24
C LEU A 109 22.84 -1.78 -2.99
N LEU A 110 21.77 -1.26 -2.42
CA LEU A 110 21.88 -0.55 -1.16
C LEU A 110 21.55 -1.48 -0.01
N ARG A 111 20.53 -2.32 -0.22
CA ARG A 111 19.99 -3.12 0.90
C ARG A 111 19.09 -4.18 0.29
N GLY A 112 19.13 -5.41 0.81
CA GLY A 112 18.13 -6.41 0.45
C GLY A 112 17.18 -6.69 1.64
N HIS A 113 15.99 -7.22 1.30
CA HIS A 113 14.95 -7.54 2.30
C HIS A 113 14.32 -8.88 1.97
N ASP A 114 13.98 -9.66 3.00
CA ASP A 114 13.25 -10.90 2.77
C ASP A 114 12.61 -11.28 4.09
N GLN A 115 11.33 -10.98 4.24
CA GLN A 115 10.78 -11.24 5.57
C GLN A 115 9.35 -11.70 5.52
N TYR A 116 8.89 -12.17 6.68
CA TYR A 116 7.59 -12.84 6.79
C TYR A 116 6.83 -12.41 8.03
N ALA A 117 5.51 -12.47 7.93
CA ALA A 117 4.61 -12.24 9.07
C ALA A 117 3.50 -13.31 9.10
N TYR A 118 3.09 -13.70 10.30
CA TYR A 118 2.06 -14.70 10.44
C TYR A 118 0.97 -14.05 11.29
N ASP A 119 -0.26 -14.10 10.80
CA ASP A 119 -1.38 -13.40 11.43
C ASP A 119 -1.05 -11.95 11.82
N GLY A 120 -0.38 -11.23 10.94
CA GLY A 120 -0.16 -9.82 11.12
C GLY A 120 1.06 -9.44 11.97
N LYS A 121 1.76 -10.45 12.51
CA LYS A 121 2.88 -10.25 13.44
CA LYS A 121 2.89 -10.22 13.42
C LYS A 121 4.20 -10.69 12.78
N ASP A 122 5.25 -9.90 12.92
CA ASP A 122 6.56 -10.38 12.42
C ASP A 122 6.94 -11.76 12.86
N TYR A 123 7.44 -12.55 11.91
CA TYR A 123 7.72 -13.95 12.18
C TYR A 123 9.20 -14.24 12.02
N ILE A 124 9.74 -14.03 10.83
CA ILE A 124 11.19 -14.21 10.64
C ILE A 124 11.62 -13.27 9.54
N ALA A 125 12.85 -12.79 9.63
CA ALA A 125 13.38 -11.81 8.62
C ALA A 125 14.85 -12.14 8.34
N LEU A 126 15.21 -12.03 7.07
CA LEU A 126 16.63 -12.07 6.73
C LEU A 126 17.33 -10.79 7.19
N ASN A 127 18.46 -10.95 7.90
CA ASN A 127 19.17 -9.77 8.40
C ASN A 127 19.81 -8.99 7.24
N GLU A 128 20.26 -7.76 7.56
CA GLU A 128 20.84 -6.91 6.53
C GLU A 128 22.05 -7.57 5.88
N ASP A 129 22.74 -8.42 6.63
CA ASP A 129 23.90 -9.09 6.06
C ASP A 129 23.59 -10.12 4.99
N LEU A 130 22.31 -10.48 4.84
CA LEU A 130 21.84 -11.47 3.89
C LEU A 130 22.43 -12.85 4.12
N ARG A 131 22.86 -13.11 5.37
CA ARG A 131 23.45 -14.40 5.72
C ARG A 131 22.81 -15.11 6.94
N SER A 132 22.06 -14.37 7.74
CA SER A 132 21.55 -14.85 9.01
C SER A 132 20.10 -14.36 9.18
N TRP A 133 19.37 -14.99 10.09
CA TRP A 133 17.96 -14.74 10.29
C TRP A 133 17.68 -14.20 11.66
N THR A 134 16.64 -13.38 11.79
CA THR A 134 16.10 -13.03 13.10
C THR A 134 14.71 -13.60 13.27
N ALA A 135 14.54 -14.44 14.30
CA ALA A 135 13.25 -15.10 14.59
C ALA A 135 12.54 -14.37 15.72
N ALA A 136 11.25 -14.09 15.53
CA ALA A 136 10.49 -13.34 16.53
C ALA A 136 10.13 -14.12 17.79
N ASP A 137 10.10 -15.44 17.69
CA ASP A 137 9.61 -16.23 18.81
C ASP A 137 10.04 -17.67 18.68
N THR A 138 9.65 -18.56 19.61
CA THR A 138 10.21 -19.90 19.55
CA THR A 138 10.22 -19.88 19.55
C THR A 138 9.66 -20.71 18.38
N ALA A 139 8.52 -20.31 17.84
CA ALA A 139 8.06 -21.00 16.65
C ALA A 139 8.97 -20.67 15.48
N ALA A 140 9.22 -19.38 15.31
CA ALA A 140 10.08 -18.95 14.22
C ALA A 140 11.51 -19.48 14.39
N GLN A 141 11.93 -19.81 15.62
CA GLN A 141 13.25 -20.45 15.78
C GLN A 141 13.27 -21.81 15.14
N ILE A 142 12.14 -22.47 15.08
CA ILE A 142 12.08 -23.75 14.35
C ILE A 142 12.37 -23.53 12.88
N THR A 143 11.67 -22.58 12.27
CA THR A 143 11.96 -22.22 10.87
C THR A 143 13.43 -21.84 10.72
N GLN A 144 13.94 -21.01 11.63
CA GLN A 144 15.34 -20.58 11.51
CA GLN A 144 15.34 -20.57 11.56
C GLN A 144 16.30 -21.76 11.52
N ARG A 145 16.08 -22.71 12.42
CA ARG A 145 16.95 -23.89 12.46
CA ARG A 145 16.92 -23.90 12.48
C ARG A 145 16.86 -24.67 11.16
N LYS A 146 15.65 -24.83 10.61
CA LYS A 146 15.49 -25.55 9.36
CA LYS A 146 15.50 -25.54 9.34
C LYS A 146 16.26 -24.85 8.23
N TRP A 147 16.13 -23.53 8.19
CA TRP A 147 16.70 -22.75 7.11
C TRP A 147 18.21 -22.65 7.23
N GLU A 148 18.71 -22.67 8.46
CA GLU A 148 20.16 -22.70 8.69
C GLU A 148 20.71 -24.04 8.21
N ALA A 149 20.01 -25.12 8.54
CA ALA A 149 20.54 -26.45 8.13
C ALA A 149 20.55 -26.54 6.60
N ALA A 150 19.53 -25.96 5.96
CA ALA A 150 19.41 -25.99 4.50
C ALA A 150 20.22 -24.92 3.74
N ARG A 151 20.93 -24.06 4.47
CA ARG A 151 21.66 -22.92 3.90
C ARG A 151 20.75 -22.08 2.99
N GLU A 152 19.53 -21.89 3.49
CA GLU A 152 18.50 -21.18 2.74
C GLU A 152 18.89 -19.74 2.41
N ALA A 153 19.56 -19.07 3.33
CA ALA A 153 19.95 -17.66 3.11
C ALA A 153 20.85 -17.46 1.88
N GLU A 154 21.65 -18.47 1.53
CA GLU A 154 22.61 -18.29 0.44
C GLU A 154 21.87 -18.08 -0.87
N GLN A 155 20.76 -18.80 -1.07
CA GLN A 155 20.00 -18.60 -2.28
CA GLN A 155 19.92 -18.64 -2.25
C GLN A 155 19.22 -17.28 -2.26
N ARG A 156 18.71 -16.88 -1.09
CA ARG A 156 18.05 -15.56 -1.00
C ARG A 156 19.08 -14.48 -1.38
N ARG A 157 20.26 -14.58 -0.80
CA ARG A 157 21.29 -13.57 -1.04
C ARG A 157 21.64 -13.49 -2.52
N ALA A 158 21.79 -14.66 -3.14
CA ALA A 158 22.18 -14.68 -4.55
C ALA A 158 21.15 -13.99 -5.43
N TYR A 159 19.88 -14.17 -5.10
CA TYR A 159 18.80 -13.48 -5.83
C TYR A 159 18.84 -11.99 -5.55
N LEU A 160 18.93 -11.61 -4.28
CA LEU A 160 18.82 -10.19 -3.92
C LEU A 160 19.98 -9.38 -4.51
N GLU A 161 21.20 -9.94 -4.54
CA GLU A 161 22.35 -9.18 -5.05
CA GLU A 161 22.36 -9.20 -5.04
C GLU A 161 22.50 -9.31 -6.56
N GLY A 162 21.81 -10.26 -7.15
CA GLY A 162 21.98 -10.60 -8.55
C GLY A 162 20.73 -10.29 -9.32
N GLU A 163 19.89 -11.31 -9.55
CA GLU A 163 18.65 -11.12 -10.32
C GLU A 163 17.85 -9.91 -9.92
N CYS A 164 17.68 -9.69 -8.62
CA CYS A 164 16.81 -8.61 -8.18
C CYS A 164 17.30 -7.26 -8.76
N VAL A 165 18.58 -6.98 -8.62
CA VAL A 165 19.15 -5.71 -9.04
CA VAL A 165 19.03 -5.66 -9.03
C VAL A 165 19.15 -5.60 -10.55
N GLU A 166 19.46 -6.70 -11.20
CA GLU A 166 19.53 -6.69 -12.67
CA GLU A 166 19.55 -6.70 -12.68
C GLU A 166 18.16 -6.49 -13.29
N TRP A 167 17.12 -7.13 -12.76
CA TRP A 167 15.77 -6.92 -13.34
C TRP A 167 15.25 -5.53 -12.93
N LEU A 168 15.56 -5.06 -11.72
CA LEU A 168 15.15 -3.71 -11.38
C LEU A 168 15.76 -2.71 -12.36
N ARG A 169 17.04 -2.88 -12.66
CA ARG A 169 17.69 -1.96 -13.61
C ARG A 169 17.01 -1.96 -14.96
N ARG A 170 16.65 -3.14 -15.42
CA ARG A 170 15.93 -3.31 -16.70
C ARG A 170 14.56 -2.64 -16.71
N TYR A 171 13.81 -2.85 -15.63
CA TYR A 171 12.50 -2.19 -15.53
C TYR A 171 12.64 -0.66 -15.48
N LEU A 172 13.67 -0.16 -14.79
CA LEU A 172 13.83 1.30 -14.67
C LEU A 172 14.12 1.88 -16.06
N GLU A 173 14.88 1.16 -16.87
CA GLU A 173 15.22 1.68 -18.20
C GLU A 173 13.97 1.59 -19.10
N ASN A 174 13.29 0.47 -19.04
CA ASN A 174 12.10 0.32 -19.85
C ASN A 174 10.96 1.27 -19.46
N GLY A 175 10.83 1.57 -18.16
CA GLY A 175 9.80 2.46 -17.71
C GLY A 175 10.26 3.88 -17.37
N LYS A 176 11.39 4.32 -17.95
CA LYS A 176 12.09 5.49 -17.43
C LYS A 176 11.23 6.76 -17.53
N ASP A 177 10.36 6.87 -18.54
CA ASP A 177 9.56 8.10 -18.67
CA ASP A 177 9.59 8.13 -18.64
C ASP A 177 8.61 8.33 -17.47
N LYS A 178 8.32 7.27 -16.74
CA LYS A 178 7.44 7.34 -15.58
CA LYS A 178 7.42 7.31 -15.59
C LYS A 178 8.17 7.07 -14.28
N LEU A 179 8.93 5.99 -14.27
CA LEU A 179 9.61 5.57 -13.05
C LEU A 179 10.68 6.52 -12.64
N GLU A 180 11.32 7.20 -13.59
CA GLU A 180 12.38 8.16 -13.25
C GLU A 180 11.91 9.63 -13.33
N ARG A 181 10.59 9.80 -13.30
CA ARG A 181 9.96 11.11 -13.28
C ARG A 181 9.29 11.39 -11.96
N ALA A 182 9.70 12.45 -11.29
CA ALA A 182 8.98 12.90 -10.08
C ALA A 182 7.99 13.95 -10.48
N ASP A 183 6.74 13.84 -10.03
CA ASP A 183 5.73 14.85 -10.33
C ASP A 183 5.58 15.61 -9.04
N PRO A 184 5.80 16.91 -9.08
CA PRO A 184 5.70 17.65 -7.83
C PRO A 184 4.25 17.86 -7.42
N PRO A 185 4.03 18.09 -6.12
CA PRO A 185 2.69 18.35 -5.67
C PRO A 185 2.15 19.69 -6.19
N LYS A 186 0.87 19.68 -6.56
CA LYS A 186 0.07 20.92 -6.81
C LYS A 186 -0.51 21.32 -5.48
N THR A 187 -0.35 22.58 -5.07
CA THR A 187 -0.67 22.88 -3.67
C THR A 187 -1.66 24.03 -3.56
N HIS A 188 -2.39 24.08 -2.46
CA HIS A 188 -3.27 25.24 -2.21
C HIS A 188 -3.74 25.15 -0.77
N VAL A 189 -4.17 26.28 -0.22
CA VAL A 189 -4.65 26.33 1.16
C VAL A 189 -6.09 26.79 1.17
N THR A 190 -6.93 26.08 1.89
CA THR A 190 -8.32 26.44 2.02
C THR A 190 -8.63 26.91 3.43
N HIS A 191 -9.72 27.66 3.56
CA HIS A 191 -10.00 28.29 4.85
C HIS A 191 -11.49 28.07 5.11
N HIS A 192 -11.85 27.52 6.26
CA HIS A 192 -13.27 27.43 6.59
CA HIS A 192 -13.26 27.33 6.60
C HIS A 192 -13.54 27.75 8.04
N PRO A 193 -14.38 28.78 8.27
CA PRO A 193 -14.76 29.10 9.65
C PRO A 193 -15.45 27.93 10.31
N ILE A 194 -15.10 27.64 11.57
CA ILE A 194 -15.86 26.62 12.30
C ILE A 194 -16.79 27.23 13.35
N SER A 195 -16.46 28.44 13.77
CA SER A 195 -17.32 29.19 14.68
C SER A 195 -16.97 30.64 14.47
N ASP A 196 -17.57 31.53 15.25
CA ASP A 196 -17.24 32.95 15.26
CA ASP A 196 -17.19 32.92 14.98
C ASP A 196 -15.79 33.24 15.54
N HIS A 197 -15.15 32.33 16.24
CA HIS A 197 -13.83 32.64 16.76
C HIS A 197 -12.70 31.64 16.36
N GLU A 198 -13.03 30.64 15.55
CA GLU A 198 -12.00 29.70 15.06
C GLU A 198 -12.26 29.36 13.59
N ALA A 199 -11.19 29.07 12.84
CA ALA A 199 -11.30 28.64 11.45
C ALA A 199 -10.34 27.49 11.21
N THR A 200 -10.66 26.65 10.22
CA THR A 200 -9.74 25.59 9.79
C THR A 200 -8.92 26.06 8.61
N LEU A 201 -7.60 25.90 8.68
CA LEU A 201 -6.71 26.07 7.50
C LEU A 201 -6.30 24.66 7.06
N ARG A 202 -6.50 24.35 5.78
CA ARG A 202 -6.14 23.01 5.28
C ARG A 202 -5.19 23.21 4.15
N CYS A 203 -4.02 22.61 4.24
CA CYS A 203 -2.96 22.69 3.22
CA CYS A 203 -3.13 22.74 3.10
C CYS A 203 -3.04 21.41 2.37
N TRP A 204 -3.19 21.53 1.06
CA TRP A 204 -3.36 20.40 0.18
C TRP A 204 -2.15 20.14 -0.69
N ALA A 205 -1.84 18.85 -0.89
CA ALA A 205 -0.83 18.45 -1.87
C ALA A 205 -1.48 17.44 -2.80
N LEU A 206 -1.50 17.72 -4.11
CA LEU A 206 -2.20 16.83 -5.02
C LEU A 206 -1.35 16.49 -6.22
N GLY A 207 -1.59 15.33 -6.82
CA GLY A 207 -0.95 14.97 -8.08
C GLY A 207 0.54 14.66 -8.06
N PHE A 208 1.08 14.28 -6.90
CA PHE A 208 2.52 14.06 -6.75
C PHE A 208 2.88 12.56 -6.83
N TYR A 209 4.13 12.34 -7.26
CA TYR A 209 4.70 11.00 -7.37
C TYR A 209 6.19 11.18 -7.23
N PRO A 210 6.86 10.38 -6.40
CA PRO A 210 6.37 9.25 -5.62
C PRO A 210 5.56 9.74 -4.41
N ALA A 211 5.15 8.79 -3.59
CA ALA A 211 4.22 9.07 -2.49
C ALA A 211 4.89 9.80 -1.33
N GLU A 212 6.19 9.62 -1.14
CA GLU A 212 6.90 10.27 -0.03
C GLU A 212 6.78 11.80 -0.09
N ILE A 213 6.27 12.41 0.97
CA ILE A 213 6.11 13.86 1.00
C ILE A 213 6.14 14.29 2.46
N THR A 214 6.56 15.52 2.71
CA THR A 214 6.42 16.07 4.06
C THR A 214 5.55 17.35 4.00
N LEU A 215 4.50 17.36 4.81
CA LEU A 215 3.56 18.44 4.85
CA LEU A 215 3.55 18.47 4.87
C LEU A 215 3.41 18.88 6.30
N THR A 216 3.79 20.11 6.61
CA THR A 216 3.74 20.55 8.00
C THR A 216 3.15 21.95 8.10
N TRP A 217 2.52 22.24 9.24
CA TRP A 217 2.13 23.61 9.53
C TRP A 217 3.05 24.18 10.59
N GLN A 218 3.36 25.45 10.45
CA GLN A 218 4.08 26.21 11.49
C GLN A 218 3.26 27.39 11.93
N ARG A 219 3.35 27.74 13.22
CA ARG A 219 2.75 28.99 13.75
C ARG A 219 3.93 29.81 14.27
N ASP A 220 4.11 31.04 13.76
CA ASP A 220 5.25 31.91 14.11
C ASP A 220 6.53 31.11 13.95
N GLY A 221 6.55 30.25 12.93
CA GLY A 221 7.75 29.46 12.62
C GLY A 221 8.04 28.27 13.52
N GLU A 222 7.10 27.92 14.41
CA GLU A 222 7.24 26.76 15.30
C GLU A 222 6.35 25.62 14.79
N ASP A 223 6.91 24.41 14.61
CA ASP A 223 6.14 23.28 14.10
CA ASP A 223 6.13 23.29 14.08
C ASP A 223 4.92 23.00 14.99
N GLN A 224 3.79 22.69 14.37
CA GLN A 224 2.55 22.47 15.12
C GLN A 224 2.16 21.00 15.12
N THR A 225 3.12 20.15 15.43
CA THR A 225 2.92 18.70 15.26
C THR A 225 1.74 18.15 16.03
N GLN A 226 1.67 18.52 17.30
CA GLN A 226 0.57 18.09 18.18
C GLN A 226 -0.81 18.58 17.72
N ASP A 227 -0.86 19.78 17.17
CA ASP A 227 -2.12 20.43 16.81
C ASP A 227 -2.53 20.23 15.34
N THR A 228 -1.72 19.52 14.58
CA THR A 228 -2.03 19.35 13.15
C THR A 228 -2.77 18.03 12.90
N GLU A 229 -3.90 18.09 12.17
CA GLU A 229 -4.58 16.90 11.66
CA GLU A 229 -4.52 16.86 11.69
C GLU A 229 -3.95 16.52 10.31
N LEU A 230 -3.28 15.38 10.24
CA LEU A 230 -2.58 14.92 9.02
C LEU A 230 -3.23 13.64 8.48
N VAL A 231 -3.80 13.63 7.27
CA VAL A 231 -4.37 12.35 6.77
C VAL A 231 -3.28 11.54 6.11
N GLU A 232 -3.48 10.23 6.10
CA GLU A 232 -2.54 9.31 5.47
C GLU A 232 -2.47 9.65 3.99
N THR A 233 -1.27 9.60 3.44
CA THR A 233 -1.09 9.77 2.01
C THR A 233 -1.94 8.75 1.28
N ARG A 234 -2.67 9.21 0.26
CA ARG A 234 -3.67 8.37 -0.42
C ARG A 234 -3.53 8.38 -1.96
N PRO A 235 -3.80 7.23 -2.59
CA PRO A 235 -3.67 7.24 -4.06
C PRO A 235 -4.83 7.90 -4.76
N ALA A 236 -4.54 8.62 -5.84
CA ALA A 236 -5.61 9.24 -6.58
C ALA A 236 -6.26 8.33 -7.60
N GLY A 237 -5.52 7.30 -8.03
CA GLY A 237 -6.02 6.36 -9.04
C GLY A 237 -5.43 6.62 -10.42
N ASP A 238 -4.66 7.69 -10.56
CA ASP A 238 -3.98 8.02 -11.85
C ASP A 238 -2.44 7.95 -11.75
N ARG A 239 -1.96 7.10 -10.83
CA ARG A 239 -0.55 6.88 -10.43
C ARG A 239 -0.09 7.86 -9.35
N THR A 240 -0.79 8.98 -9.20
CA THR A 240 -0.33 10.01 -8.27
C THR A 240 -0.94 9.87 -6.89
N PHE A 241 -0.46 10.71 -5.98
CA PHE A 241 -0.89 10.63 -4.57
C PHE A 241 -1.43 11.98 -4.09
N GLN A 242 -2.17 11.93 -2.99
CA GLN A 242 -2.71 13.15 -2.37
C GLN A 242 -2.46 13.16 -0.86
N LYS A 243 -2.38 14.35 -0.28
CA LYS A 243 -2.29 14.43 1.20
C LYS A 243 -2.77 15.81 1.62
N TRP A 244 -3.28 15.92 2.84
CA TRP A 244 -3.51 17.26 3.36
C TRP A 244 -3.19 17.30 4.84
N ALA A 245 -2.97 18.53 5.33
CA ALA A 245 -2.72 18.77 6.77
C ALA A 245 -3.57 19.94 7.19
N ALA A 246 -4.25 19.83 8.33
CA ALA A 246 -5.13 20.97 8.71
C ALA A 246 -4.81 21.44 10.12
N VAL A 247 -4.99 22.73 10.37
CA VAL A 247 -4.89 23.23 11.77
C VAL A 247 -6.09 24.09 12.04
N VAL A 248 -6.50 24.14 13.31
CA VAL A 248 -7.57 25.07 13.73
C VAL A 248 -6.93 26.33 14.30
N VAL A 249 -7.32 27.50 13.79
CA VAL A 249 -6.63 28.74 14.16
C VAL A 249 -7.62 29.76 14.72
N PRO A 250 -7.14 30.61 15.63
CA PRO A 250 -8.02 31.69 16.11
C PRO A 250 -8.34 32.64 14.96
N SER A 251 -9.58 33.08 14.89
CA SER A 251 -9.99 34.00 13.85
C SER A 251 -9.14 35.27 13.84
N GLY A 252 -8.67 35.67 12.66
CA GLY A 252 -7.78 36.79 12.56
C GLY A 252 -6.28 36.52 12.74
N GLU A 253 -5.87 35.31 13.13
CA GLU A 253 -4.43 35.01 13.26
C GLU A 253 -3.91 34.21 12.07
N GLU A 254 -4.71 34.11 11.01
CA GLU A 254 -4.38 33.21 9.91
C GLU A 254 -3.00 33.46 9.33
N GLN A 255 -2.57 34.73 9.32
CA GLN A 255 -1.30 35.02 8.66
C GLN A 255 -0.10 34.61 9.49
N ARG A 256 -0.32 34.16 10.73
CA ARG A 256 0.77 33.63 11.52
C ARG A 256 1.13 32.18 11.14
N TYR A 257 0.32 31.60 10.26
CA TYR A 257 0.49 30.17 9.98
C TYR A 257 1.07 29.97 8.60
N THR A 258 2.07 29.08 8.47
CA THR A 258 2.64 28.78 7.14
C THR A 258 2.61 27.27 6.95
N CYS A 259 2.31 26.81 5.74
CA CYS A 259 2.36 25.38 5.41
CA CYS A 259 2.46 25.38 5.55
C CYS A 259 3.64 25.12 4.64
N HIS A 260 4.36 24.07 4.96
CA HIS A 260 5.65 23.77 4.35
C HIS A 260 5.57 22.42 3.66
N VAL A 261 6.04 22.36 2.43
CA VAL A 261 5.88 21.15 1.63
C VAL A 261 7.26 20.74 1.14
N GLN A 262 7.69 19.51 1.43
CA GLN A 262 8.96 19.00 0.86
C GLN A 262 8.62 17.81 -0.03
N HIS A 263 9.19 17.73 -1.23
CA HIS A 263 8.94 16.57 -2.12
C HIS A 263 10.10 16.46 -3.10
N GLU A 264 10.44 15.26 -3.54
CA GLU A 264 11.54 15.05 -4.51
CA GLU A 264 11.54 15.07 -4.49
C GLU A 264 11.37 15.88 -5.77
N GLY A 265 10.13 16.07 -6.20
CA GLY A 265 9.78 16.84 -7.37
C GLY A 265 10.00 18.34 -7.20
N LEU A 266 10.22 18.77 -5.95
CA LEU A 266 10.47 20.20 -5.67
C LEU A 266 11.94 20.47 -5.44
N PRO A 267 12.54 21.28 -6.33
CA PRO A 267 13.90 21.83 -6.20
C PRO A 267 14.12 22.46 -4.81
N LYS A 268 13.19 23.31 -4.40
CA LYS A 268 13.24 23.91 -3.07
CA LYS A 268 13.24 23.93 -3.08
C LYS A 268 11.88 23.79 -2.41
N PRO A 269 11.88 23.53 -1.09
CA PRO A 269 10.62 23.46 -0.33
C PRO A 269 9.69 24.65 -0.59
N LEU A 270 8.38 24.39 -0.57
CA LEU A 270 7.38 25.40 -0.75
C LEU A 270 6.97 25.88 0.65
N THR A 271 6.78 27.19 0.78
CA THR A 271 6.11 27.76 1.94
C THR A 271 4.83 28.35 1.44
N LEU A 272 3.70 27.96 2.05
CA LEU A 272 2.42 28.48 1.61
C LEU A 272 1.65 29.15 2.73
N ARG A 273 0.82 30.13 2.37
CA ARG A 273 -0.09 30.77 3.34
CA ARG A 273 -0.08 30.81 3.33
C ARG A 273 -1.51 30.85 2.78
N TRP A 274 -2.48 31.06 3.66
CA TRP A 274 -3.83 31.30 3.17
C TRP A 274 -3.76 32.62 2.43
N GLU A 275 -4.21 32.57 1.17
CA GLU A 275 -4.07 33.63 0.17
C GLU A 275 -2.61 34.03 -0.05
N ILE B 2 -5.28 -10.92 17.53
CA ILE B 2 -5.09 -9.47 17.37
C ILE B 2 -5.46 -9.03 15.95
N GLN B 3 -6.20 -7.92 15.89
CA GLN B 3 -6.77 -7.42 14.67
C GLN B 3 -6.57 -5.92 14.60
N ARG B 4 -6.67 -5.36 13.40
CA ARG B 4 -6.48 -3.94 13.23
C ARG B 4 -7.63 -3.39 12.39
N THR B 5 -8.26 -2.31 12.89
CA THR B 5 -9.47 -1.80 12.24
C THR B 5 -9.10 -0.85 11.08
N PRO B 6 -9.89 -0.86 9.98
CA PRO B 6 -9.45 0.01 8.88
C PRO B 6 -9.59 1.48 9.11
N LYS B 7 -8.63 2.22 8.59
CA LYS B 7 -8.74 3.64 8.33
C LYS B 7 -9.50 3.75 7.04
N ILE B 8 -10.32 4.78 6.92
CA ILE B 8 -11.17 4.97 5.75
CA ILE B 8 -11.11 4.94 5.74
C ILE B 8 -11.09 6.40 5.27
N GLN B 9 -10.79 6.60 4.00
CA GLN B 9 -10.92 7.94 3.43
C GLN B 9 -11.76 7.86 2.17
N VAL B 10 -12.65 8.83 1.99
CA VAL B 10 -13.50 8.97 0.79
CA VAL B 10 -13.42 8.90 0.75
C VAL B 10 -13.21 10.28 0.12
N TYR B 11 -12.94 10.29 -1.18
CA TYR B 11 -12.44 11.52 -1.83
C TYR B 11 -12.48 11.38 -3.33
N SER B 12 -12.19 12.45 -4.06
CA SER B 12 -12.21 12.38 -5.51
C SER B 12 -10.78 12.39 -6.09
N ARG B 13 -10.65 11.83 -7.27
CA ARG B 13 -9.38 11.79 -7.95
C ARG B 13 -8.89 13.20 -8.27
N HIS B 14 -9.78 14.06 -8.76
CA HIS B 14 -9.50 15.50 -9.01
C HIS B 14 -10.40 16.39 -8.15
N PRO B 15 -10.02 17.67 -7.89
CA PRO B 15 -10.90 18.52 -7.07
C PRO B 15 -12.25 18.59 -7.73
N ALA B 16 -13.31 18.50 -6.94
CA ALA B 16 -14.62 18.32 -7.52
C ALA B 16 -15.12 19.61 -8.16
N GLU B 17 -15.71 19.47 -9.33
CA GLU B 17 -16.39 20.58 -10.00
CA GLU B 17 -16.39 20.57 -10.02
C GLU B 17 -17.75 20.06 -10.46
N ASN B 18 -18.82 20.66 -9.95
CA ASN B 18 -20.17 20.21 -10.29
C ASN B 18 -20.35 20.13 -11.78
N GLY B 19 -20.92 19.03 -12.23
CA GLY B 19 -21.18 18.84 -13.64
C GLY B 19 -20.07 18.20 -14.43
N LYS B 20 -18.88 18.06 -13.82
CA LYS B 20 -17.72 17.50 -14.51
C LYS B 20 -17.32 16.10 -14.02
N SER B 21 -17.11 15.18 -14.96
CA SER B 21 -16.80 13.80 -14.66
C SER B 21 -15.48 13.68 -13.88
N ASN B 22 -15.46 12.72 -12.96
CA ASN B 22 -14.41 12.62 -11.96
C ASN B 22 -14.37 11.14 -11.53
N PHE B 23 -13.54 10.81 -10.52
CA PHE B 23 -13.59 9.46 -9.93
C PHE B 23 -13.80 9.59 -8.44
N LEU B 24 -14.69 8.76 -7.92
CA LEU B 24 -14.94 8.72 -6.48
C LEU B 24 -14.17 7.55 -5.90
N ASN B 25 -13.34 7.82 -4.89
CA ASN B 25 -12.42 6.85 -4.32
C ASN B 25 -12.77 6.55 -2.88
N CYS B 26 -12.60 5.30 -2.47
CA CYS B 26 -12.62 4.96 -1.07
C CYS B 26 -11.34 4.16 -0.81
N TYR B 27 -10.46 4.72 0.00
CA TYR B 27 -9.19 4.08 0.33
C TYR B 27 -9.31 3.52 1.73
N VAL B 28 -9.18 2.19 1.85
CA VAL B 28 -9.16 1.54 3.16
C VAL B 28 -7.75 1.02 3.43
N SER B 29 -7.26 1.27 4.63
CA SER B 29 -5.87 0.91 4.93
C SER B 29 -5.70 0.59 6.40
N GLY B 30 -4.53 0.07 6.73
CA GLY B 30 -4.23 -0.20 8.12
C GLY B 30 -4.96 -1.37 8.74
N PHE B 31 -5.65 -2.21 7.95
CA PHE B 31 -6.46 -3.28 8.55
C PHE B 31 -5.80 -4.67 8.48
N HIS B 32 -6.28 -5.53 9.37
CA HIS B 32 -5.86 -6.93 9.47
CA HIS B 32 -5.83 -6.92 9.49
C HIS B 32 -6.93 -7.63 10.26
N PRO B 33 -7.41 -8.78 9.76
CA PRO B 33 -7.04 -9.52 8.57
C PRO B 33 -7.57 -8.85 7.29
N SER B 34 -7.37 -9.51 6.16
CA SER B 34 -7.49 -8.86 4.86
C SER B 34 -8.93 -8.84 4.34
N ASP B 35 -9.78 -9.71 4.87
CA ASP B 35 -11.16 -9.74 4.39
CA ASP B 35 -11.18 -9.76 4.49
C ASP B 35 -11.83 -8.42 4.79
N ILE B 36 -12.44 -7.78 3.81
CA ILE B 36 -13.05 -6.47 4.05
C ILE B 36 -14.12 -6.29 2.98
N GLU B 37 -15.19 -5.59 3.29
CA GLU B 37 -16.21 -5.33 2.27
C GLU B 37 -16.41 -3.83 2.17
N VAL B 38 -16.43 -3.36 0.94
CA VAL B 38 -16.55 -1.90 0.72
C VAL B 38 -17.60 -1.61 -0.33
N ASP B 39 -18.52 -0.69 -0.02
CA ASP B 39 -19.48 -0.21 -1.01
C ASP B 39 -19.28 1.29 -1.21
N LEU B 40 -19.46 1.74 -2.44
CA LEU B 40 -19.64 3.18 -2.69
C LEU B 40 -21.15 3.42 -2.83
N LEU B 41 -21.64 4.53 -2.27
CA LEU B 41 -23.08 4.82 -2.23
C LEU B 41 -23.34 6.18 -2.89
N LYS B 42 -24.46 6.26 -3.61
CA LYS B 42 -24.95 7.52 -4.20
C LYS B 42 -26.33 7.68 -3.65
N ASN B 43 -26.56 8.73 -2.88
CA ASN B 43 -27.87 8.92 -2.23
C ASN B 43 -28.34 7.69 -1.45
N GLY B 44 -27.42 7.08 -0.72
CA GLY B 44 -27.74 5.94 0.12
C GLY B 44 -27.80 4.61 -0.61
N GLU B 45 -27.75 4.60 -1.94
CA GLU B 45 -27.86 3.33 -2.64
CA GLU B 45 -27.88 3.37 -2.72
C GLU B 45 -26.51 2.87 -3.21
N ARG B 46 -26.30 1.56 -3.17
CA ARG B 46 -25.04 1.00 -3.65
C ARG B 46 -24.78 1.25 -5.14
N ILE B 47 -23.61 1.79 -5.45
CA ILE B 47 -23.18 1.96 -6.83
CA ILE B 47 -23.20 1.96 -6.84
C ILE B 47 -22.74 0.60 -7.38
N GLU B 48 -23.18 0.24 -8.59
CA GLU B 48 -22.81 -1.07 -9.13
C GLU B 48 -21.47 -1.08 -9.83
N LYS B 49 -20.83 -2.24 -9.91
CA LYS B 49 -19.64 -2.39 -10.78
C LYS B 49 -18.45 -1.46 -10.37
N VAL B 50 -18.30 -1.26 -9.08
CA VAL B 50 -17.17 -0.54 -8.51
CA VAL B 50 -17.14 -0.50 -8.61
C VAL B 50 -15.92 -1.43 -8.68
N GLU B 51 -14.79 -0.84 -9.10
CA GLU B 51 -13.53 -1.56 -9.27
C GLU B 51 -12.64 -1.40 -8.05
N HIS B 52 -11.71 -2.30 -7.85
CA HIS B 52 -10.75 -2.09 -6.76
C HIS B 52 -9.36 -2.53 -7.14
N SER B 53 -8.39 -2.02 -6.38
CA SER B 53 -7.00 -2.36 -6.62
C SER B 53 -6.72 -3.80 -6.17
N ASP B 54 -5.57 -4.35 -6.57
CA ASP B 54 -5.14 -5.63 -6.06
C ASP B 54 -4.67 -5.52 -4.60
N LEU B 55 -5.03 -6.50 -3.80
CA LEU B 55 -4.64 -6.51 -2.37
C LEU B 55 -3.13 -6.44 -2.17
N SER B 56 -2.70 -5.43 -1.41
CA SER B 56 -1.30 -5.26 -1.09
C SER B 56 -1.18 -4.85 0.37
N PHE B 57 0.04 -4.66 0.86
CA PHE B 57 0.16 -4.25 2.25
C PHE B 57 1.39 -3.40 2.43
N SER B 58 1.40 -2.74 3.58
CA SER B 58 2.42 -1.77 3.99
C SER B 58 3.55 -2.44 4.76
N LYS B 59 4.56 -1.64 5.09
CA LYS B 59 5.73 -2.14 5.85
CA LYS B 59 5.72 -2.21 5.80
C LYS B 59 5.36 -2.74 7.17
N ASP B 60 4.26 -2.26 7.77
CA ASP B 60 3.83 -2.78 9.05
C ASP B 60 2.89 -3.97 8.90
N TRP B 61 2.78 -4.45 7.65
CA TRP B 61 2.00 -5.64 7.30
C TRP B 61 0.50 -5.38 7.18
N SER B 62 0.04 -4.16 7.44
CA SER B 62 -1.40 -3.91 7.36
C SER B 62 -1.81 -3.76 5.89
N PHE B 63 -3.03 -4.16 5.59
CA PHE B 63 -3.45 -4.24 4.20
C PHE B 63 -4.01 -2.89 3.77
N TYR B 64 -4.04 -2.68 2.45
CA TYR B 64 -4.74 -1.52 1.91
C TYR B 64 -5.34 -1.85 0.55
N LEU B 65 -6.40 -1.11 0.22
CA LEU B 65 -7.17 -1.31 -1.03
C LEU B 65 -7.78 -0.01 -1.42
N LEU B 66 -7.81 0.26 -2.71
CA LEU B 66 -8.58 1.39 -3.24
C LEU B 66 -9.77 0.91 -4.04
N TYR B 67 -10.98 1.38 -3.67
CA TYR B 67 -12.19 1.15 -4.44
C TYR B 67 -12.51 2.44 -5.21
N TYR B 68 -12.95 2.31 -6.45
CA TYR B 68 -13.14 3.57 -7.20
C TYR B 68 -14.20 3.39 -8.27
N THR B 69 -14.85 4.49 -8.63
CA THR B 69 -15.87 4.43 -9.68
C THR B 69 -15.99 5.81 -10.36
N GLU B 70 -16.40 5.89 -11.63
CA GLU B 70 -16.65 7.22 -12.25
C GLU B 70 -17.88 7.86 -11.62
N PHE B 71 -17.86 9.18 -11.44
CA PHE B 71 -19.05 9.89 -10.97
C PHE B 71 -18.95 11.32 -11.45
N THR B 72 -20.09 11.99 -11.45
CA THR B 72 -20.16 13.40 -11.80
C THR B 72 -20.83 14.13 -10.67
N PRO B 73 -20.02 14.78 -9.82
CA PRO B 73 -20.57 15.46 -8.65
C PRO B 73 -21.54 16.59 -9.04
N THR B 74 -22.48 16.88 -8.14
CA THR B 74 -23.45 17.95 -8.30
C THR B 74 -23.64 18.55 -6.93
N GLU B 75 -24.35 19.68 -6.85
CA GLU B 75 -24.65 20.29 -5.56
CA GLU B 75 -24.64 20.29 -5.55
C GLU B 75 -25.46 19.37 -4.65
N LYS B 76 -26.44 18.66 -5.21
CA LYS B 76 -27.43 17.94 -4.39
C LYS B 76 -27.18 16.45 -4.13
N ASP B 77 -26.45 15.77 -5.01
CA ASP B 77 -26.21 14.33 -4.79
C ASP B 77 -25.24 14.09 -3.63
N GLU B 78 -25.56 13.13 -2.78
CA GLU B 78 -24.70 12.77 -1.64
CA GLU B 78 -24.69 12.78 -1.65
C GLU B 78 -23.94 11.49 -1.97
N TYR B 79 -22.65 11.46 -1.66
CA TYR B 79 -21.89 10.23 -1.89
C TYR B 79 -21.28 9.78 -0.62
N ALA B 80 -21.00 8.48 -0.54
CA ALA B 80 -20.49 7.92 0.70
C ALA B 80 -19.80 6.60 0.41
N CYS B 81 -19.08 6.11 1.40
CA CYS B 81 -18.46 4.76 1.40
CA CYS B 81 -18.59 4.73 1.35
C CYS B 81 -19.01 4.00 2.60
N ARG B 82 -19.16 2.69 2.47
CA ARG B 82 -19.68 1.89 3.57
C ARG B 82 -18.74 0.70 3.70
N VAL B 83 -18.17 0.53 4.88
CA VAL B 83 -17.11 -0.46 5.09
C VAL B 83 -17.51 -1.45 6.20
N ASN B 84 -17.33 -2.74 5.94
CA ASN B 84 -17.52 -3.83 6.90
CA ASN B 84 -17.41 -3.65 7.08
C ASN B 84 -16.20 -4.58 7.12
N HIS B 85 -15.89 -4.96 8.35
CA HIS B 85 -14.65 -5.65 8.67
C HIS B 85 -14.93 -6.36 9.99
N VAL B 86 -14.15 -7.41 10.29
CA VAL B 86 -14.42 -8.21 11.48
C VAL B 86 -14.30 -7.35 12.74
N THR B 87 -13.49 -6.29 12.70
CA THR B 87 -13.29 -5.42 13.84
C THR B 87 -14.45 -4.50 14.12
N LEU B 88 -15.42 -4.43 13.20
CA LEU B 88 -16.53 -3.46 13.29
C LEU B 88 -17.84 -4.12 13.62
N SER B 89 -18.50 -3.63 14.67
CA SER B 89 -19.76 -4.25 15.08
C SER B 89 -20.84 -3.96 14.05
N GLN B 90 -20.79 -2.79 13.42
CA GLN B 90 -21.77 -2.41 12.39
CA GLN B 90 -21.74 -2.50 12.36
C GLN B 90 -21.01 -1.79 11.20
N PRO B 91 -21.62 -1.77 10.00
CA PRO B 91 -20.86 -1.12 8.92
C PRO B 91 -20.58 0.33 9.28
N LYS B 92 -19.42 0.83 8.89
CA LYS B 92 -19.07 2.22 9.12
C LYS B 92 -19.33 3.00 7.83
N ILE B 93 -20.08 4.09 7.92
CA ILE B 93 -20.34 4.93 6.74
C ILE B 93 -19.54 6.22 6.87
N VAL B 94 -18.82 6.57 5.82
CA VAL B 94 -18.10 7.84 5.80
C VAL B 94 -18.61 8.62 4.59
N LYS B 95 -19.14 9.82 4.83
CA LYS B 95 -19.61 10.68 3.75
C LYS B 95 -18.51 11.40 3.03
N TRP B 96 -18.73 11.56 1.73
CA TRP B 96 -17.85 12.35 0.89
C TRP B 96 -18.05 13.84 1.13
N ASP B 97 -16.95 14.49 1.45
CA ASP B 97 -16.87 15.94 1.70
C ASP B 97 -15.79 16.46 0.76
N ARG B 98 -16.16 17.32 -0.17
CA ARG B 98 -15.22 17.65 -1.23
C ARG B 98 -13.99 18.43 -0.74
N ASP B 99 -14.00 18.95 0.48
CA ASP B 99 -12.73 19.52 0.96
CA ASP B 99 -12.80 19.57 1.01
C ASP B 99 -12.12 18.68 2.06
N MET B 100 -12.24 17.35 1.91
CA MET B 100 -11.46 16.44 2.74
C MET B 100 -10.85 15.25 1.95
N ARG C 1 11.59 -9.60 -11.68
CA ARG C 1 10.96 -10.91 -11.73
CA ARG C 1 10.95 -10.90 -11.73
C ARG C 1 11.16 -11.62 -10.38
N PRO C 2 10.19 -12.47 -9.98
CA PRO C 2 10.21 -13.04 -8.63
C PRO C 2 11.27 -14.12 -8.43
N MET C 3 11.61 -14.34 -7.16
CA MET C 3 12.54 -15.41 -6.85
CA MET C 3 12.48 -15.40 -6.64
C MET C 3 11.85 -16.77 -6.86
N THR C 4 12.58 -17.79 -7.28
CA THR C 4 11.95 -19.13 -7.13
C THR C 4 12.70 -20.10 -6.20
N PHE C 5 12.18 -21.31 -6.03
CA PHE C 5 12.72 -22.30 -5.08
C PHE C 5 12.90 -21.79 -3.63
N LYS C 6 11.98 -20.97 -3.13
CA LYS C 6 12.05 -20.62 -1.71
C LYS C 6 11.51 -21.78 -0.85
N GLY C 7 12.15 -22.05 0.29
CA GLY C 7 11.76 -23.20 1.09
C GLY C 7 10.54 -22.89 1.95
N ALA C 8 9.79 -23.93 2.33
CA ALA C 8 8.69 -23.77 3.29
C ALA C 8 9.18 -23.30 4.67
N LEU C 9 8.33 -22.59 5.40
CA LEU C 9 8.63 -22.18 6.79
C LEU C 9 8.52 -23.40 7.72
#